data_5EDM
#
_entry.id   5EDM
#
_cell.length_a   109.884
_cell.length_b   168.690
_cell.length_c   144.315
_cell.angle_alpha   90.00
_cell.angle_beta   90.00
_cell.angle_gamma   90.00
#
_symmetry.space_group_name_H-M   'C 2 2 21'
#
loop_
_entity.id
_entity.type
_entity.pdbx_description
1 polymer Prothrombin
2 branched 2-acetamido-2-deoxy-beta-D-glucopyranose-(1-4)-2-acetamido-2-deoxy-beta-D-glucopyranose
3 non-polymer 'MAGNESIUM ION'
4 non-polymer 2-acetamido-2-deoxy-beta-D-glucopyranose
5 non-polymer 'SULFATE ION'
6 non-polymer GLYCEROL
7 water water
#
_entity_poly.entity_id   1
_entity_poly.type   'polypeptide(L)'
_entity_poly.pdbx_seq_one_letter_code
;ANTFL(CGU)(CGU)VRKGNL(CGU)R(CGU)CV(CGU)(CGU)TCSY(CGU)(CGU)AF(CGU)AL(CGU)SSTATDVF
WAKYTACETARTPRDKLAACLEGNCAEGLGTNYRGHVNITRSGIECQLWRSRYPHKPEINSTTHPGADLQENFCRNPDSS
TMGPWCYTTDPTVRRQECSIPVCGQDQVTVAMTEQCVPDRGQQYQGRLAVTTHGLPCLAWASAQAKALSKHQDFNSAVQL
VENFCRNPDGDEEGVWCYVAGKPGDFGYCDLNYCEEAVEEETGDGLDEDSDRAIEGRTATSEYQTFFNPRTFGSGEADCG
LRPLFEKKSLEDKTERELLESYIDGRIVEGSDAEIGMSPWQVMLFRKSPQELLCGASLISDRWVLTAAHCLLYPPWDKNF
TENDLLVRIGKHSRTRYERNIEKISMLEKIYIHPRYNWRENLDRDIALMKLKKPVAFSDYIHPVCLPDRETAASLLQAGY
KGRVTGWGNLKETWTANVGKGQPSVLQVVNLPIVERPVCKDSTRIRITDNMFCAGYKPDEGKRGDACEGDSGGPFVMKSP
FNNRWYQMGIVSWGEGCDRDGKYGFYTHVFRLKKWIQKVIDQFGEYLE
;
_entity_poly.pdbx_strand_id   A
#
loop_
_chem_comp.id
_chem_comp.type
_chem_comp.name
_chem_comp.formula
GOL non-polymer GLYCEROL 'C3 H8 O3'
MG non-polymer 'MAGNESIUM ION' 'Mg 2'
NAG D-saccharide, beta linking 2-acetamido-2-deoxy-beta-D-glucopyranose 'C8 H15 N O6'
SO4 non-polymer 'SULFATE ION' 'O4 S -2'
#
# COMPACT_ATOMS: atom_id res chain seq x y z
N ALA A 1 7.95 -4.23 -50.93
CA ALA A 1 6.80 -3.33 -51.25
C ALA A 1 7.29 -2.18 -52.12
N ASN A 2 6.42 -1.17 -52.31
CA ASN A 2 6.71 -0.06 -53.20
C ASN A 2 7.22 -0.55 -54.57
N THR A 3 8.55 -0.53 -54.80
CA THR A 3 9.07 -0.81 -56.16
C THR A 3 8.58 -2.17 -56.66
N PHE A 4 8.46 -2.25 -57.98
CA PHE A 4 7.95 -3.46 -58.62
C PHE A 4 8.90 -4.61 -58.35
N LEU A 5 10.17 -4.36 -58.61
CA LEU A 5 11.25 -5.29 -58.28
C LEU A 5 11.14 -5.77 -56.85
N CGU A 6 10.92 -4.87 -55.90
CA CGU A 6 10.77 -5.27 -54.51
C CGU A 6 9.52 -6.12 -54.31
O CGU A 6 9.58 -7.06 -53.52
CB CGU A 6 10.80 -4.06 -53.56
CG CGU A 6 12.23 -3.50 -53.34
CD1 CGU A 6 12.25 -2.18 -52.60
CD2 CGU A 6 13.10 -4.50 -52.59
OE11 CGU A 6 13.36 -1.60 -52.50
OE12 CGU A 6 11.21 -1.68 -52.11
OE21 CGU A 6 13.97 -5.14 -53.24
OE22 CGU A 6 12.94 -4.64 -51.35
N CGU A 7 8.42 -5.83 -54.99
CA CGU A 7 7.17 -6.60 -54.84
C CGU A 7 7.35 -8.03 -55.35
O CGU A 7 6.74 -8.97 -54.86
CB CGU A 7 6.01 -5.87 -55.56
CG CGU A 7 4.58 -6.39 -55.33
CD1 CGU A 7 4.12 -6.20 -53.90
CD2 CGU A 7 3.55 -5.72 -56.24
OE11 CGU A 7 4.72 -5.37 -53.18
OE12 CGU A 7 3.14 -6.86 -53.49
OE21 CGU A 7 3.92 -4.83 -57.04
OE22 CGU A 7 2.35 -6.08 -56.16
N VAL A 8 8.24 -8.20 -56.32
CA VAL A 8 8.52 -9.50 -56.85
C VAL A 8 9.34 -10.27 -55.83
N ARG A 9 10.31 -9.59 -55.23
CA ARG A 9 11.18 -10.24 -54.28
C ARG A 9 10.40 -10.64 -53.01
N LYS A 10 9.37 -9.85 -52.70
CA LYS A 10 8.47 -10.17 -51.61
C LYS A 10 7.74 -11.49 -51.86
N GLY A 11 7.22 -11.67 -53.07
CA GLY A 11 6.51 -12.91 -53.42
C GLY A 11 7.40 -14.14 -53.41
N ASN A 12 8.66 -13.94 -53.81
CA ASN A 12 9.65 -15.00 -53.81
C ASN A 12 10.03 -15.44 -52.43
N LEU A 13 10.19 -14.46 -51.54
CA LEU A 13 10.41 -14.75 -50.13
C LEU A 13 9.26 -15.59 -49.56
N CGU A 14 8.04 -15.21 -49.90
CA CGU A 14 6.88 -15.97 -49.51
C CGU A 14 6.98 -17.40 -49.99
O CGU A 14 6.85 -18.32 -49.19
CB CGU A 14 5.58 -15.31 -50.01
CG CGU A 14 4.36 -16.19 -49.72
CD1 CGU A 14 4.01 -16.27 -48.28
CD2 CGU A 14 3.15 -15.67 -50.40
OE11 CGU A 14 4.69 -15.64 -47.44
OE12 CGU A 14 3.03 -16.95 -47.94
OE21 CGU A 14 3.19 -14.51 -50.85
OE22 CGU A 14 2.13 -16.40 -50.49
N ARG A 15 7.25 -17.60 -51.28
CA ARG A 15 7.34 -18.96 -51.84
C ARG A 15 8.45 -19.81 -51.24
N CGU A 16 9.66 -19.25 -51.17
CA CGU A 16 10.87 -20.01 -50.88
C CGU A 16 11.25 -20.02 -49.44
O CGU A 16 11.96 -20.94 -48.99
CB CGU A 16 12.04 -19.40 -51.66
CG CGU A 16 11.77 -19.24 -53.18
CD1 CGU A 16 12.88 -18.62 -53.98
CD2 CGU A 16 11.37 -20.53 -53.84
OE11 CGU A 16 12.55 -17.82 -54.87
OE12 CGU A 16 14.09 -18.91 -53.79
OE21 CGU A 16 10.27 -20.51 -54.43
OE22 CGU A 16 12.10 -21.53 -53.81
N CYS A 17 10.83 -19.00 -48.69
CA CYS A 17 11.29 -18.83 -47.33
C CYS A 17 10.21 -18.93 -46.28
N VAL A 18 8.98 -18.62 -46.64
CA VAL A 18 7.90 -18.64 -45.67
C VAL A 18 7.10 -19.94 -45.81
N CGU A 19 6.59 -20.21 -47.01
CA CGU A 19 5.86 -21.45 -47.27
C CGU A 19 6.78 -22.64 -47.28
O CGU A 19 6.33 -23.80 -47.24
CB CGU A 19 5.18 -21.37 -48.64
CG CGU A 19 4.09 -20.28 -48.73
CD1 CGU A 19 3.77 -19.98 -50.17
CD2 CGU A 19 2.80 -20.71 -48.08
OE11 CGU A 19 3.13 -18.93 -50.40
OE12 CGU A 19 4.13 -20.78 -51.09
OE21 CGU A 19 1.83 -19.95 -48.17
OE22 CGU A 19 2.71 -21.78 -47.44
N CGU A 20 8.08 -22.37 -47.38
CA CGU A 20 9.10 -23.41 -47.41
C CGU A 20 10.23 -22.89 -46.60
O CGU A 20 10.34 -21.70 -46.40
CB CGU A 20 9.62 -23.65 -48.82
CG CGU A 20 8.54 -24.24 -49.71
CD1 CGU A 20 8.88 -24.29 -51.18
CD2 CGU A 20 8.18 -25.62 -49.26
OE11 CGU A 20 10.02 -23.98 -51.56
OE12 CGU A 20 8.00 -24.67 -51.98
OE21 CGU A 20 8.91 -26.22 -48.42
OE22 CGU A 20 7.14 -26.10 -49.74
N THR A 21 11.08 -23.79 -46.12
CA THR A 21 12.32 -23.40 -45.50
C THR A 21 13.30 -23.00 -46.60
N CYS A 22 14.21 -22.08 -46.28
CA CYS A 22 15.20 -21.63 -47.22
C CYS A 22 16.54 -21.49 -46.54
N SER A 23 17.61 -21.46 -47.33
CA SER A 23 18.96 -21.20 -46.82
C SER A 23 19.24 -19.71 -46.93
N TYR A 24 20.30 -19.27 -46.26
CA TYR A 24 20.74 -17.88 -46.39
C TYR A 24 20.95 -17.54 -47.85
N CGU A 25 21.67 -18.43 -48.54
CA CGU A 25 22.05 -18.15 -49.93
C CGU A 25 20.84 -18.08 -50.80
O CGU A 25 20.75 -17.20 -51.65
CB CGU A 25 23.06 -19.18 -50.43
CG CGU A 25 23.35 -19.03 -51.94
CD1 CGU A 25 23.95 -17.69 -52.34
CD2 CGU A 25 24.20 -20.16 -52.42
OE11 CGU A 25 24.46 -16.95 -51.47
OE12 CGU A 25 23.91 -17.39 -53.55
OE21 CGU A 25 24.37 -20.26 -53.66
OE22 CGU A 25 24.68 -20.95 -51.57
N CGU A 26 19.89 -19.01 -50.61
CA CGU A 26 18.65 -19.01 -51.40
C CGU A 26 18.00 -17.68 -51.19
O CGU A 26 17.58 -17.04 -52.14
CB CGU A 26 17.74 -20.16 -50.96
CG CGU A 26 16.63 -20.48 -51.97
CD1 CGU A 26 17.15 -21.07 -53.24
CD2 CGU A 26 15.64 -21.46 -51.41
OE11 CGU A 26 18.38 -21.22 -53.46
OE12 CGU A 26 16.31 -21.41 -54.07
OE21 CGU A 26 14.61 -21.71 -52.08
OE22 CGU A 26 15.90 -22.01 -50.31
N ALA A 27 17.95 -17.25 -49.93
CA ALA A 27 17.41 -15.96 -49.59
C ALA A 27 18.14 -14.81 -50.28
N PHE A 28 19.46 -14.84 -50.31
CA PHE A 28 20.25 -13.78 -50.96
C PHE A 28 19.99 -13.70 -52.46
N CGU A 29 19.96 -14.85 -53.11
CA CGU A 29 19.67 -14.93 -54.55
C CGU A 29 18.33 -14.26 -54.83
O CGU A 29 18.09 -13.75 -55.91
CB CGU A 29 19.67 -16.42 -54.98
CG CGU A 29 20.73 -17.06 -55.94
CD1 CGU A 29 22.06 -16.36 -56.24
CD2 CGU A 29 20.87 -18.50 -55.49
OE11 CGU A 29 22.08 -15.23 -56.77
OE12 CGU A 29 23.13 -16.94 -56.01
OE21 CGU A 29 21.83 -18.92 -54.83
OE22 CGU A 29 19.93 -19.26 -55.80
N ALA A 30 17.43 -14.26 -53.84
CA ALA A 30 16.11 -13.64 -54.00
C ALA A 30 16.11 -12.13 -53.73
N LEU A 31 16.84 -11.69 -52.70
CA LEU A 31 16.88 -10.27 -52.35
C LEU A 31 18.01 -9.47 -53.02
N CGU A 32 19.05 -10.16 -53.44
CA CGU A 32 20.14 -9.58 -54.23
C CGU A 32 20.69 -8.37 -53.51
O CGU A 32 20.91 -7.32 -54.11
CB CGU A 32 19.57 -9.33 -55.64
CG CGU A 32 19.15 -10.69 -56.28
CD1 CGU A 32 18.00 -10.56 -57.26
CD2 CGU A 32 20.35 -11.40 -56.87
OE11 CGU A 32 17.47 -9.44 -57.43
OE12 CGU A 32 17.58 -11.57 -57.86
OE21 CGU A 32 21.47 -10.90 -56.69
OE22 CGU A 32 20.19 -12.49 -57.49
N SER A 33 20.90 -8.52 -52.20
CA SER A 33 21.43 -7.46 -51.35
C SER A 33 21.81 -8.01 -49.98
N SER A 34 23.07 -7.86 -49.60
CA SER A 34 23.55 -8.38 -48.31
C SER A 34 22.88 -7.79 -47.10
N THR A 35 22.60 -6.49 -47.16
CA THR A 35 21.92 -5.82 -46.08
C THR A 35 20.52 -6.35 -45.91
N ALA A 36 19.75 -6.30 -46.99
CA ALA A 36 18.40 -6.78 -46.92
C ALA A 36 18.42 -8.24 -46.47
N THR A 37 19.36 -9.00 -46.99
CA THR A 37 19.38 -10.39 -46.62
C THR A 37 19.74 -10.57 -45.15
N ASP A 38 20.63 -9.74 -44.60
CA ASP A 38 20.95 -9.86 -43.18
C ASP A 38 19.74 -9.46 -42.32
N VAL A 39 19.07 -8.39 -42.74
CA VAL A 39 17.87 -7.96 -42.07
C VAL A 39 16.87 -9.13 -42.03
N PHE A 40 16.56 -9.70 -43.18
CA PHE A 40 15.62 -10.82 -43.20
C PHE A 40 16.06 -11.98 -42.29
N TRP A 41 17.34 -12.31 -42.35
CA TRP A 41 17.84 -13.51 -41.69
C TRP A 41 17.78 -13.41 -40.18
N ALA A 42 17.90 -12.18 -39.68
CA ALA A 42 17.82 -11.98 -38.25
C ALA A 42 16.38 -12.25 -37.80
N LYS A 43 15.42 -11.81 -38.58
CA LYS A 43 14.04 -12.18 -38.28
C LYS A 43 13.84 -13.68 -38.39
N TYR A 44 14.37 -14.28 -39.44
CA TYR A 44 14.17 -15.70 -39.67
C TYR A 44 14.75 -16.50 -38.54
N THR A 45 15.86 -16.04 -38.00
CA THR A 45 16.49 -16.68 -36.86
C THR A 45 15.68 -16.47 -35.58
N ALA A 46 15.12 -15.28 -35.46
CA ALA A 46 14.26 -15.00 -34.31
C ALA A 46 12.98 -15.83 -34.38
N CYS A 47 12.57 -16.25 -35.57
CA CYS A 47 11.35 -17.02 -35.74
C CYS A 47 11.61 -18.54 -35.84
N GLU A 48 12.81 -18.99 -35.45
CA GLU A 48 13.21 -20.41 -35.45
C GLU A 48 12.17 -21.34 -34.83
N THR A 49 11.53 -20.90 -33.74
CA THR A 49 10.62 -21.74 -32.99
C THR A 49 9.18 -21.55 -33.42
N ALA A 50 8.97 -20.79 -34.49
CA ALA A 50 7.64 -20.51 -34.99
C ALA A 50 7.55 -20.65 -36.51
N ARG A 51 8.15 -21.71 -37.05
CA ARG A 51 8.27 -21.84 -38.52
C ARG A 51 7.02 -22.45 -39.18
N THR A 52 6.22 -23.18 -38.40
CA THR A 52 4.92 -23.65 -38.88
C THR A 52 3.86 -23.42 -37.79
N PRO A 53 2.59 -23.35 -38.18
CA PRO A 53 2.18 -23.33 -39.59
C PRO A 53 2.60 -22.01 -40.25
N ARG A 54 2.29 -21.86 -41.52
CA ARG A 54 2.78 -20.71 -42.26
C ARG A 54 2.31 -19.39 -41.68
N ASP A 55 1.04 -19.26 -41.30
CA ASP A 55 0.56 -17.98 -40.77
C ASP A 55 1.23 -17.65 -39.44
N LYS A 56 1.54 -18.65 -38.64
CA LYS A 56 2.27 -18.38 -37.40
C LYS A 56 3.58 -17.67 -37.75
N LEU A 57 4.32 -18.22 -38.69
CA LEU A 57 5.59 -17.64 -39.14
C LEU A 57 5.43 -16.26 -39.79
N ALA A 58 4.43 -16.11 -40.65
CA ALA A 58 4.19 -14.82 -41.27
C ALA A 58 3.97 -13.74 -40.22
N ALA A 59 3.17 -14.04 -39.22
CA ALA A 59 2.92 -13.08 -38.14
C ALA A 59 4.21 -12.73 -37.39
N CYS A 60 4.95 -13.75 -36.99
CA CYS A 60 6.23 -13.56 -36.32
C CYS A 60 7.19 -12.69 -37.17
N LEU A 61 7.22 -12.95 -38.48
CA LEU A 61 8.12 -12.24 -39.38
C LEU A 61 7.69 -10.80 -39.57
N GLU A 62 6.39 -10.53 -39.66
CA GLU A 62 5.92 -9.15 -39.72
C GLU A 62 6.38 -8.31 -38.50
N GLY A 63 6.59 -8.94 -37.35
CA GLY A 63 7.28 -8.30 -36.24
C GLY A 63 6.45 -7.32 -35.41
N ASN A 64 5.15 -7.30 -35.64
CA ASN A 64 4.27 -6.48 -34.84
C ASN A 64 3.80 -7.06 -33.52
N CYS A 65 4.34 -8.21 -33.14
CA CYS A 65 3.93 -8.87 -31.94
C CYS A 65 5.14 -9.66 -31.51
N ALA A 66 5.18 -10.04 -30.25
CA ALA A 66 6.32 -10.77 -29.75
C ALA A 66 6.04 -12.27 -29.79
N GLU A 67 6.97 -13.03 -30.37
CA GLU A 67 6.93 -14.46 -30.33
C GLU A 67 8.01 -14.91 -29.36
N GLY A 68 7.65 -15.68 -28.35
CA GLY A 68 8.59 -16.14 -27.33
C GLY A 68 9.19 -14.93 -26.65
N LEU A 69 10.52 -14.85 -26.58
CA LEU A 69 11.19 -13.71 -25.94
C LEU A 69 11.08 -12.43 -26.75
N GLY A 70 10.59 -12.50 -27.98
CA GLY A 70 10.35 -11.29 -28.76
C GLY A 70 11.58 -10.67 -29.40
N THR A 71 12.65 -11.43 -29.61
CA THR A 71 13.73 -10.97 -30.50
C THR A 71 13.24 -10.69 -31.91
N ASN A 72 12.14 -11.31 -32.30
CA ASN A 72 11.50 -10.96 -33.56
C ASN A 72 10.84 -9.59 -33.60
N TYR A 73 10.62 -8.95 -32.47
CA TYR A 73 9.69 -7.82 -32.44
C TYR A 73 10.33 -6.66 -33.16
N ARG A 74 9.57 -6.01 -34.04
CA ARG A 74 10.02 -4.84 -34.77
C ARG A 74 8.98 -3.72 -34.78
N GLY A 75 8.02 -3.74 -33.86
CA GLY A 75 6.94 -2.75 -33.88
C GLY A 75 7.34 -1.42 -33.25
N HIS A 76 6.40 -0.47 -33.20
CA HIS A 76 6.73 0.90 -32.80
C HIS A 76 6.30 1.31 -31.38
N VAL A 77 6.07 0.34 -30.51
CA VAL A 77 5.80 0.64 -29.12
C VAL A 77 6.99 1.39 -28.48
N ASN A 78 6.65 2.55 -27.92
CA ASN A 78 7.45 3.66 -27.40
C ASN A 78 7.63 3.73 -25.90
N ILE A 79 6.82 2.94 -25.20
CA ILE A 79 6.66 3.11 -23.77
C ILE A 79 6.74 1.80 -23.03
N THR A 80 7.29 1.94 -21.86
CA THR A 80 7.46 0.91 -20.89
C THR A 80 6.11 0.33 -20.41
N ARG A 81 6.12 -0.84 -19.79
CA ARG A 81 4.87 -1.39 -19.18
C ARG A 81 4.17 -0.44 -18.22
N SER A 82 4.97 0.31 -17.47
CA SER A 82 4.43 1.30 -16.53
C SER A 82 4.20 2.68 -17.14
N GLY A 83 4.40 2.83 -18.45
CA GLY A 83 4.08 4.10 -19.12
C GLY A 83 5.19 5.13 -19.26
N ILE A 84 6.41 4.77 -18.89
CA ILE A 84 7.54 5.67 -19.01
C ILE A 84 7.98 5.73 -20.47
N GLU A 85 8.31 6.92 -20.94
CA GLU A 85 8.75 7.08 -22.31
C GLU A 85 10.14 6.47 -22.44
N CYS A 86 10.29 5.66 -23.49
CA CYS A 86 11.53 5.01 -23.81
C CYS A 86 12.55 6.04 -24.28
N GLN A 87 13.77 5.85 -23.83
CA GLN A 87 14.92 6.60 -24.29
C GLN A 87 15.35 6.14 -25.68
N LEU A 88 15.89 7.06 -26.47
CA LEU A 88 16.43 6.72 -27.76
C LEU A 88 17.62 5.81 -27.59
N TRP A 89 17.66 4.72 -28.34
CA TRP A 89 18.79 3.83 -28.28
C TRP A 89 20.08 4.59 -28.56
N ARG A 90 20.02 5.59 -29.44
CA ARG A 90 21.22 6.37 -29.77
C ARG A 90 21.60 7.43 -28.76
N SER A 91 20.82 7.61 -27.71
CA SER A 91 21.11 8.64 -26.72
C SER A 91 21.88 8.06 -25.55
N ARG A 92 22.52 8.93 -24.78
CA ARG A 92 23.15 8.52 -23.53
C ARG A 92 22.57 9.23 -22.33
N TYR A 93 21.47 9.95 -22.55
CA TYR A 93 20.77 10.58 -21.48
C TYR A 93 19.41 9.93 -21.32
N PRO A 94 19.06 9.54 -20.11
CA PRO A 94 19.88 9.71 -18.93
C PRO A 94 20.85 8.54 -18.73
N HIS A 95 20.60 7.43 -19.43
CA HIS A 95 21.43 6.24 -19.29
C HIS A 95 22.35 6.02 -20.46
N LYS A 96 23.47 5.63 -20.23
CA LYS A 96 24.36 5.29 -21.17
C LYS A 96 24.43 3.83 -21.43
N PRO A 97 23.92 3.48 -22.63
CA PRO A 97 23.83 2.12 -22.93
C PRO A 97 24.95 1.35 -23.12
N GLU A 98 24.84 0.20 -22.72
CA GLU A 98 25.65 -0.85 -22.94
C GLU A 98 25.40 -1.74 -24.11
N ILE A 99 24.34 -1.65 -24.78
CA ILE A 99 23.95 -2.41 -25.83
C ILE A 99 23.70 -1.47 -26.83
N ASN A 100 24.28 -1.57 -27.98
CA ASN A 100 24.03 -0.69 -29.12
C ASN A 100 24.09 -1.46 -30.45
N SER A 101 23.77 -0.74 -31.52
CA SER A 101 23.94 -1.22 -32.90
C SER A 101 25.20 -2.05 -33.10
N THR A 102 26.34 -1.52 -32.64
CA THR A 102 27.62 -2.21 -32.78
C THR A 102 27.66 -3.52 -31.98
N THR A 103 27.29 -3.49 -30.70
CA THR A 103 27.31 -4.72 -29.90
C THR A 103 26.24 -5.73 -30.35
N HIS A 104 25.12 -5.24 -30.89
CA HIS A 104 23.99 -6.08 -31.32
C HIS A 104 23.45 -5.56 -32.67
N PRO A 105 24.22 -5.82 -33.76
CA PRO A 105 23.93 -5.22 -35.08
C PRO A 105 22.62 -5.66 -35.75
N GLY A 106 22.16 -6.88 -35.44
CA GLY A 106 20.93 -7.40 -36.03
C GLY A 106 19.68 -7.23 -35.20
N ALA A 107 19.72 -6.30 -34.25
CA ALA A 107 18.59 -6.12 -33.32
C ALA A 107 17.59 -5.05 -33.71
N ASP A 108 17.91 -4.25 -34.71
CA ASP A 108 17.06 -3.15 -35.16
C ASP A 108 16.77 -2.13 -34.07
N LEU A 109 17.84 -1.60 -33.49
CA LEU A 109 17.73 -0.66 -32.41
C LEU A 109 17.55 0.73 -32.97
N GLN A 110 16.33 1.07 -33.34
CA GLN A 110 16.08 2.39 -33.90
C GLN A 110 15.10 3.20 -33.07
N GLU A 111 15.18 4.50 -33.26
CA GLU A 111 14.48 5.47 -32.49
C GLU A 111 14.47 5.07 -31.02
N ASN A 112 13.29 4.99 -30.41
CA ASN A 112 13.17 4.51 -29.05
C ASN A 112 12.18 3.37 -28.97
N PHE A 113 12.23 2.46 -29.92
CA PHE A 113 11.25 1.37 -29.96
C PHE A 113 11.73 0.23 -29.09
N CYS A 114 10.79 -0.43 -28.45
CA CYS A 114 11.12 -1.55 -27.57
C CYS A 114 11.68 -2.66 -28.45
N ARG A 115 12.74 -3.30 -27.97
CA ARG A 115 13.41 -4.39 -28.67
C ARG A 115 13.94 -5.35 -27.61
N ASN A 116 14.37 -6.52 -28.03
CA ASN A 116 14.99 -7.42 -27.09
C ASN A 116 16.36 -7.90 -27.58
N PRO A 117 17.32 -6.97 -27.70
CA PRO A 117 18.61 -7.38 -28.22
C PRO A 117 19.30 -8.45 -27.42
N ASP A 118 19.04 -8.56 -26.12
CA ASP A 118 19.85 -9.47 -25.30
C ASP A 118 19.10 -10.71 -24.89
N SER A 119 17.97 -10.99 -25.53
CA SER A 119 17.17 -12.16 -25.18
C SER A 119 16.82 -12.22 -23.71
N SER A 120 16.49 -11.05 -23.18
CA SER A 120 16.05 -10.92 -21.81
C SER A 120 14.72 -11.63 -21.63
N THR A 121 14.54 -12.25 -20.48
CA THR A 121 13.37 -13.11 -20.24
C THR A 121 12.09 -12.31 -20.07
N MET A 122 12.17 -11.04 -19.71
CA MET A 122 10.95 -10.23 -19.60
C MET A 122 10.42 -9.74 -20.95
N GLY A 123 11.11 -10.07 -22.04
CA GLY A 123 10.68 -9.66 -23.38
C GLY A 123 11.24 -8.30 -23.78
N PRO A 124 10.72 -7.75 -24.88
CA PRO A 124 11.22 -6.48 -25.41
C PRO A 124 11.11 -5.35 -24.40
N TRP A 125 12.06 -4.45 -24.47
CA TRP A 125 12.30 -3.49 -23.43
C TRP A 125 13.02 -2.31 -24.03
N CYS A 126 13.23 -1.27 -23.24
CA CYS A 126 13.99 -0.10 -23.67
C CYS A 126 14.59 0.52 -22.47
N TYR A 127 15.66 1.29 -22.69
CA TYR A 127 16.18 2.19 -21.65
C TYR A 127 15.10 3.25 -21.45
N THR A 128 14.92 3.80 -20.25
CA THR A 128 13.81 4.75 -20.03
C THR A 128 14.29 6.17 -19.87
N THR A 129 13.41 7.11 -20.17
CA THR A 129 13.73 8.50 -19.92
C THR A 129 13.68 8.84 -18.44
N ASP A 130 13.20 7.93 -17.58
CA ASP A 130 13.28 8.17 -16.14
C ASP A 130 14.68 7.89 -15.64
N PRO A 131 15.38 8.91 -15.11
CA PRO A 131 16.75 8.70 -14.69
C PRO A 131 16.90 7.70 -13.58
N THR A 132 15.80 7.41 -12.86
CA THR A 132 15.83 6.41 -11.80
C THR A 132 15.49 5.00 -12.31
N VAL A 133 15.03 4.86 -13.56
CA VAL A 133 14.92 3.50 -14.10
C VAL A 133 15.62 3.31 -15.42
N ARG A 134 16.67 2.50 -15.32
CA ARG A 134 17.60 2.27 -16.43
C ARG A 134 16.88 1.61 -17.56
N ARG A 135 16.35 0.43 -17.30
CA ARG A 135 15.64 -0.35 -18.33
C ARG A 135 14.34 -0.84 -17.79
N GLN A 136 13.36 -0.99 -18.67
CA GLN A 136 12.15 -1.66 -18.29
C GLN A 136 11.51 -2.28 -19.52
N GLU A 137 10.95 -3.46 -19.32
CA GLU A 137 10.19 -4.14 -20.36
C GLU A 137 8.90 -3.40 -20.74
N CYS A 138 8.45 -3.63 -21.97
CA CYS A 138 7.25 -3.05 -22.52
C CYS A 138 6.12 -4.08 -22.65
N SER A 139 4.87 -3.61 -22.76
CA SER A 139 3.74 -4.48 -22.91
C SER A 139 3.47 -4.66 -24.38
N ILE A 140 3.84 -5.82 -24.88
CA ILE A 140 3.72 -6.12 -26.29
C ILE A 140 2.70 -7.24 -26.52
N PRO A 141 1.86 -7.11 -27.56
CA PRO A 141 0.97 -8.23 -27.92
C PRO A 141 1.72 -9.49 -28.27
N VAL A 142 1.21 -10.62 -27.87
CA VAL A 142 1.82 -11.90 -28.19
C VAL A 142 1.28 -12.37 -29.53
N CYS A 143 2.15 -12.94 -30.36
CA CYS A 143 1.73 -13.41 -31.68
C CYS A 143 0.75 -14.56 -31.54
N GLY A 144 -0.36 -14.43 -32.24
CA GLY A 144 -1.35 -15.50 -32.32
C GLY A 144 -2.17 -15.69 -31.07
N GLN A 145 -2.29 -14.63 -30.30
CA GLN A 145 -2.87 -14.74 -28.98
C GLN A 145 -3.50 -13.46 -28.53
N ASP A 146 -4.70 -13.58 -27.98
CA ASP A 146 -5.34 -12.47 -27.30
C ASP A 146 -4.65 -12.27 -25.93
N GLN A 147 -3.47 -11.67 -25.95
CA GLN A 147 -2.61 -11.63 -24.77
C GLN A 147 -1.45 -10.70 -25.01
N VAL A 148 -0.84 -10.20 -23.93
CA VAL A 148 0.35 -9.35 -23.99
C VAL A 148 1.50 -9.87 -23.14
N THR A 149 2.70 -9.36 -23.39
CA THR A 149 3.88 -9.92 -22.73
C THR A 149 3.86 -9.74 -21.22
N VAL A 150 3.53 -8.54 -20.80
CA VAL A 150 3.51 -8.18 -19.41
C VAL A 150 2.38 -7.18 -19.31
N ALA A 151 1.69 -7.16 -18.19
CA ALA A 151 0.57 -6.26 -18.02
C ALA A 151 1.00 -4.78 -18.01
N MET A 152 0.17 -3.97 -18.64
CA MET A 152 0.31 -2.55 -18.66
C MET A 152 -0.17 -1.98 -17.32
N THR A 153 0.47 -0.89 -16.85
CA THR A 153 -0.15 -0.02 -15.84
C THR A 153 -0.13 1.42 -16.30
N GLU A 154 -1.11 2.18 -15.83
CA GLU A 154 -1.33 3.53 -16.32
C GLU A 154 -0.44 4.49 -15.57
N GLN A 155 0.81 4.57 -16.00
CA GLN A 155 1.78 5.47 -15.43
C GLN A 155 1.83 5.38 -13.93
N CYS A 156 1.99 4.17 -13.43
CA CYS A 156 2.15 3.98 -12.01
C CYS A 156 2.73 2.61 -11.72
N VAL A 157 3.20 2.44 -10.50
CA VAL A 157 3.91 1.26 -10.10
C VAL A 157 2.96 0.25 -9.49
N PRO A 158 3.02 -1.00 -9.96
CA PRO A 158 2.14 -2.06 -9.48
C PRO A 158 2.72 -2.82 -8.31
N ASP A 159 1.90 -3.68 -7.71
CA ASP A 159 2.32 -4.64 -6.67
C ASP A 159 3.12 -4.04 -5.51
N ARG A 160 2.76 -2.81 -5.18
CA ARG A 160 3.42 -2.11 -4.10
C ARG A 160 4.93 -2.14 -4.24
N GLY A 161 5.41 -2.05 -5.48
CA GLY A 161 6.84 -1.91 -5.79
C GLY A 161 7.65 -3.20 -5.81
N GLN A 162 6.98 -4.34 -5.81
CA GLN A 162 7.72 -5.58 -5.73
C GLN A 162 8.36 -5.99 -7.06
N GLN A 163 7.88 -5.44 -8.18
CA GLN A 163 8.54 -5.55 -9.48
C GLN A 163 9.58 -4.46 -9.72
N TYR A 164 9.70 -3.49 -8.83
CA TYR A 164 10.55 -2.34 -9.07
C TYR A 164 12.02 -2.72 -9.18
N GLN A 165 12.68 -2.20 -10.23
CA GLN A 165 14.09 -2.50 -10.49
C GLN A 165 14.91 -1.22 -10.51
N GLY A 166 14.32 -0.10 -10.14
CA GLY A 166 14.98 1.18 -10.29
C GLY A 166 16.04 1.45 -9.25
N ARG A 167 16.59 2.65 -9.32
CA ARG A 167 17.75 3.03 -8.54
C ARG A 167 17.47 4.19 -7.55
N LEU A 168 16.21 4.45 -7.25
CA LEU A 168 15.90 5.44 -6.22
C LEU A 168 16.56 4.98 -4.93
N ALA A 169 17.36 5.85 -4.31
CA ALA A 169 18.18 5.47 -3.14
C ALA A 169 18.09 6.44 -1.95
N VAL A 170 17.03 7.23 -1.92
CA VAL A 170 16.69 8.01 -0.73
C VAL A 170 15.26 7.81 -0.35
N THR A 171 14.99 7.96 0.94
CA THR A 171 13.63 7.86 1.47
C THR A 171 12.92 9.18 1.30
N THR A 172 11.64 9.14 1.60
CA THR A 172 10.79 10.29 1.47
C THR A 172 11.21 11.41 2.37
N HIS A 173 12.04 11.12 3.37
CA HIS A 173 12.62 12.17 4.20
C HIS A 173 13.99 12.67 3.70
N GLY A 174 14.39 12.25 2.49
CA GLY A 174 15.74 12.52 1.99
C GLY A 174 16.87 11.77 2.70
N LEU A 175 16.54 10.67 3.37
CA LEU A 175 17.59 9.88 4.02
C LEU A 175 18.17 8.88 3.03
N PRO A 176 19.50 8.85 2.90
CA PRO A 176 20.13 7.89 2.01
C PRO A 176 19.94 6.49 2.51
N CYS A 177 19.51 5.61 1.62
CA CYS A 177 19.47 4.21 1.93
C CYS A 177 20.87 3.70 2.18
N LEU A 178 20.98 2.74 3.08
CA LEU A 178 22.20 1.97 3.18
C LEU A 178 22.23 0.82 2.17
N ALA A 179 23.42 0.30 1.95
CA ALA A 179 23.61 -0.86 1.08
C ALA A 179 23.02 -2.11 1.74
N TRP A 180 22.25 -2.86 0.97
CA TRP A 180 21.71 -4.13 1.45
C TRP A 180 22.78 -5.11 1.85
N ALA A 181 23.87 -5.12 1.10
CA ALA A 181 25.01 -5.98 1.41
C ALA A 181 25.91 -5.46 2.53
N SER A 182 25.58 -4.32 3.15
CA SER A 182 26.37 -3.84 4.28
C SER A 182 26.17 -4.76 5.49
N ALA A 183 27.17 -4.80 6.36
CA ALA A 183 27.20 -5.72 7.51
C ALA A 183 25.96 -5.61 8.39
N GLN A 184 25.65 -4.40 8.84
CA GLN A 184 24.46 -4.20 9.67
C GLN A 184 23.19 -4.52 8.90
N ALA A 185 23.14 -4.17 7.60
CA ALA A 185 21.97 -4.49 6.78
C ALA A 185 21.75 -6.00 6.61
N LYS A 186 22.83 -6.76 6.46
CA LYS A 186 22.76 -8.22 6.35
C LYS A 186 22.33 -8.86 7.67
N ALA A 187 22.86 -8.32 8.78
CA ALA A 187 22.54 -8.79 10.14
C ALA A 187 21.05 -8.68 10.48
N LEU A 188 20.35 -7.72 9.85
CA LEU A 188 18.90 -7.50 10.04
C LEU A 188 18.04 -8.32 9.07
N SER A 189 18.60 -8.64 7.89
CA SER A 189 17.95 -9.53 6.91
C SER A 189 18.20 -11.00 7.25
N LYS A 190 19.16 -11.25 8.16
CA LYS A 190 19.55 -12.57 8.68
C LYS A 190 18.56 -13.73 8.48
N HIS A 191 17.34 -13.56 8.96
CA HIS A 191 16.35 -14.63 8.98
C HIS A 191 14.97 -14.06 8.68
N GLN A 192 14.92 -12.91 8.01
CA GLN A 192 13.65 -12.36 7.57
C GLN A 192 13.18 -13.25 6.45
N ASP A 193 11.88 -13.20 6.18
CA ASP A 193 11.29 -14.05 5.19
C ASP A 193 11.34 -13.25 3.88
N PHE A 194 12.56 -12.99 3.41
CA PHE A 194 12.75 -12.14 2.25
C PHE A 194 12.49 -12.97 1.03
N ASN A 195 11.71 -12.40 0.14
CA ASN A 195 11.42 -13.00 -1.12
C ASN A 195 12.67 -12.94 -2.00
N SER A 196 13.19 -14.09 -2.40
CA SER A 196 14.44 -14.10 -3.16
C SER A 196 14.27 -13.55 -4.59
N ALA A 197 13.05 -13.48 -5.10
CA ALA A 197 12.83 -12.85 -6.40
C ALA A 197 13.15 -11.35 -6.39
N VAL A 198 13.09 -10.69 -5.24
CA VAL A 198 13.43 -9.28 -5.20
C VAL A 198 14.95 -9.13 -5.07
N GLN A 199 15.59 -8.47 -6.04
CA GLN A 199 17.03 -8.34 -6.03
C GLN A 199 17.44 -7.14 -5.21
N LEU A 200 18.36 -7.34 -4.28
CA LEU A 200 18.71 -6.30 -3.35
C LEU A 200 19.98 -5.64 -3.83
N VAL A 201 19.80 -4.80 -4.84
CA VAL A 201 20.93 -4.23 -5.52
C VAL A 201 21.37 -2.95 -4.82
N GLU A 202 22.68 -2.83 -4.64
CA GLU A 202 23.31 -1.61 -4.14
C GLU A 202 22.62 -1.13 -2.88
N ASN A 203 22.04 0.06 -2.91
CA ASN A 203 21.26 0.60 -1.83
C ASN A 203 19.97 1.12 -2.41
N PHE A 204 19.42 0.40 -3.37
CA PHE A 204 18.23 0.88 -4.05
C PHE A 204 16.98 0.46 -3.28
N CYS A 205 15.94 1.28 -3.37
CA CYS A 205 14.70 1.02 -2.62
C CYS A 205 14.10 -0.29 -3.11
N ARG A 206 13.79 -1.21 -2.20
CA ARG A 206 13.13 -2.46 -2.57
C ARG A 206 12.00 -2.86 -1.60
N ASN A 207 11.19 -3.83 -2.00
CA ASN A 207 10.16 -4.39 -1.16
C ASN A 207 10.31 -5.89 -1.08
N PRO A 208 11.32 -6.35 -0.36
CA PRO A 208 11.61 -7.75 -0.31
C PRO A 208 10.68 -8.53 0.63
N ASP A 209 10.00 -7.83 1.53
CA ASP A 209 9.23 -8.48 2.58
C ASP A 209 7.73 -8.39 2.39
N GLY A 210 7.29 -8.04 1.19
CA GLY A 210 5.86 -7.96 0.90
C GLY A 210 5.14 -6.91 1.71
N ASP A 211 5.82 -5.79 1.98
CA ASP A 211 5.25 -4.73 2.79
C ASP A 211 4.18 -4.05 1.97
N GLU A 212 2.97 -3.96 2.51
CA GLU A 212 1.85 -3.34 1.79
C GLU A 212 2.02 -1.84 1.61
N GLU A 213 2.92 -1.24 2.38
CA GLU A 213 3.20 0.20 2.28
C GLU A 213 4.04 0.51 1.05
N GLY A 214 4.89 -0.43 0.66
CA GLY A 214 5.73 -0.28 -0.53
C GLY A 214 7.21 -0.41 -0.26
N VAL A 215 8.01 0.02 -1.23
CA VAL A 215 9.46 -0.12 -1.13
C VAL A 215 10.05 0.69 0.01
N TRP A 216 11.16 0.18 0.53
CA TRP A 216 11.82 0.80 1.62
C TRP A 216 13.30 0.47 1.60
N CYS A 217 14.07 1.09 2.49
CA CYS A 217 15.46 0.70 2.69
C CYS A 217 15.85 1.04 4.12
N TYR A 218 16.89 0.39 4.61
CA TYR A 218 17.46 0.76 5.88
C TYR A 218 18.16 2.09 5.71
N VAL A 219 18.27 2.84 6.79
CA VAL A 219 18.93 4.12 6.78
C VAL A 219 19.80 4.23 8.03
N ALA A 220 20.72 5.17 8.04
CA ALA A 220 21.66 5.27 9.14
C ALA A 220 20.93 5.77 10.37
N GLY A 221 21.46 5.43 11.54
CA GLY A 221 20.89 5.88 12.81
C GLY A 221 20.98 4.76 13.82
N LYS A 222 19.84 4.38 14.36
CA LYS A 222 19.78 3.30 15.32
C LYS A 222 19.72 2.02 14.49
N PRO A 223 20.38 0.96 14.95
CA PRO A 223 20.34 -0.23 14.10
C PRO A 223 18.89 -0.67 13.87
N GLY A 224 18.56 -0.95 12.62
CA GLY A 224 17.21 -1.34 12.27
C GLY A 224 16.35 -0.20 11.77
N ASP A 225 16.83 1.06 11.84
CA ASP A 225 16.05 2.16 11.29
C ASP A 225 15.91 1.96 9.82
N PHE A 226 14.78 2.43 9.29
CA PHE A 226 14.44 2.33 7.90
C PHE A 226 13.41 3.40 7.52
N GLY A 227 13.11 3.52 6.24
CA GLY A 227 12.18 4.51 5.71
C GLY A 227 11.65 4.03 4.37
N TYR A 228 10.53 4.60 3.97
CA TYR A 228 9.87 4.26 2.73
C TYR A 228 10.27 5.28 1.70
N CYS A 229 10.14 4.90 0.43
CA CYS A 229 10.60 5.74 -0.67
C CYS A 229 9.44 6.13 -1.54
N ASP A 230 9.54 7.29 -2.17
CA ASP A 230 8.43 7.84 -2.94
C ASP A 230 8.34 7.19 -4.33
N LEU A 231 7.40 6.30 -4.53
CA LEU A 231 7.08 5.82 -5.86
C LEU A 231 5.61 6.12 -6.09
N ASN A 232 5.22 6.27 -7.34
CA ASN A 232 3.82 6.57 -7.66
C ASN A 232 2.99 5.28 -7.81
N TYR A 233 2.65 4.63 -6.70
CA TYR A 233 1.90 3.37 -6.74
C TYR A 233 0.54 3.52 -7.38
N CYS A 234 0.06 2.46 -8.01
CA CYS A 234 -1.26 2.52 -8.63
C CYS A 234 -2.32 2.70 -7.54
N GLU A 235 -3.35 3.48 -7.85
CA GLU A 235 -4.46 3.70 -6.93
C GLU A 235 -5.18 2.36 -6.82
N GLU A 236 -5.05 1.74 -5.66
CA GLU A 236 -5.71 0.46 -5.37
C GLU A 236 -6.54 0.68 -4.10
N ALA A 237 -7.80 1.10 -4.32
CA ALA A 237 -8.81 1.25 -3.26
C ALA A 237 -9.30 -0.14 -2.80
N VAL A 238 -8.90 -0.52 -1.59
CA VAL A 238 -9.19 -1.85 -1.05
C VAL A 238 -10.69 -2.16 -0.96
N GLU A 239 -11.50 -1.12 -0.76
CA GLU A 239 -12.98 -1.20 -0.89
C GLU A 239 -13.49 -2.11 -1.99
N GLU A 240 -12.75 -2.22 -3.10
CA GLU A 240 -13.27 -2.77 -4.35
C GLU A 240 -12.53 -4.03 -4.85
N GLU A 241 -11.76 -4.67 -3.97
CA GLU A 241 -11.02 -5.90 -4.31
C GLU A 241 -11.83 -7.17 -3.99
N THR A 242 -12.01 -8.02 -5.00
CA THR A 242 -12.80 -9.26 -4.86
C THR A 242 -12.05 -10.31 -4.03
N SER A 261 -13.98 -17.10 8.29
CA SER A 261 -13.50 -18.45 8.47
C SER A 261 -12.85 -18.65 9.87
N GLU A 262 -11.61 -18.20 10.02
CA GLU A 262 -10.73 -18.62 11.12
C GLU A 262 -9.91 -17.41 11.64
N TYR A 263 -9.10 -17.57 12.68
CA TYR A 263 -8.07 -16.55 12.99
C TYR A 263 -6.62 -17.08 13.04
N GLN A 264 -5.79 -16.57 12.12
CA GLN A 264 -4.36 -16.93 12.00
C GLN A 264 -3.45 -15.78 12.51
N THR A 265 -2.57 -16.03 13.46
CA THR A 265 -1.69 -14.93 13.96
C THR A 265 -0.48 -14.55 13.08
N PHE A 266 -0.23 -13.25 12.98
CA PHE A 266 0.78 -12.69 12.14
C PHE A 266 2.10 -12.40 12.86
N PHE A 267 2.04 -11.97 14.10
CA PHE A 267 3.24 -11.48 14.77
C PHE A 267 3.85 -12.51 15.69
N ASN A 268 5.03 -12.19 16.17
CA ASN A 268 5.70 -13.07 17.08
C ASN A 268 5.46 -12.59 18.51
N PRO A 269 4.76 -13.40 19.29
CA PRO A 269 4.44 -13.04 20.68
C PRO A 269 5.62 -12.64 21.54
N ARG A 270 6.82 -13.10 21.23
CA ARG A 270 7.98 -12.70 22.02
C ARG A 270 8.21 -11.20 21.87
N THR A 271 7.84 -10.64 20.72
CA THR A 271 8.11 -9.22 20.40
C THR A 271 6.88 -8.33 20.34
N PHE A 272 5.80 -8.89 19.82
CA PHE A 272 4.53 -8.24 19.79
C PHE A 272 3.95 -8.22 21.21
N GLY A 273 4.31 -9.24 22.00
CA GLY A 273 3.69 -9.49 23.28
C GLY A 273 2.49 -10.42 23.12
N SER A 274 1.84 -10.69 24.24
CA SER A 274 0.65 -11.53 24.24
C SER A 274 -0.54 -10.81 23.67
N GLY A 275 -1.52 -11.60 23.23
CA GLY A 275 -2.84 -11.09 22.96
C GLY A 275 -3.39 -11.32 21.58
N GLU A 276 -2.52 -11.55 20.61
CA GLU A 276 -2.98 -11.59 19.25
C GLU A 276 -3.96 -12.73 19.05
N ALA A 277 -3.59 -13.93 19.51
CA ALA A 277 -4.42 -15.12 19.35
C ALA A 277 -5.87 -14.87 19.73
N ASP A 278 -6.08 -14.19 20.85
CA ASP A 278 -7.41 -13.93 21.36
C ASP A 278 -8.00 -12.53 21.03
N CYS A 279 -7.38 -11.78 20.11
CA CYS A 279 -7.80 -10.41 19.83
C CYS A 279 -9.24 -10.34 19.36
N GLY A 280 -9.89 -9.22 19.71
CA GLY A 280 -11.18 -8.87 19.13
C GLY A 280 -12.39 -9.59 19.71
N LEU A 281 -12.20 -10.42 20.73
CA LEU A 281 -13.30 -11.13 21.40
C LEU A 281 -13.44 -10.58 22.80
N ARG A 282 -14.57 -9.95 23.10
CA ARG A 282 -14.67 -9.19 24.34
C ARG A 282 -15.10 -10.10 25.44
N PRO A 283 -14.40 -10.06 26.58
CA PRO A 283 -14.77 -10.88 27.74
C PRO A 283 -16.24 -10.77 28.12
N LEU A 284 -16.78 -9.56 28.13
CA LEU A 284 -18.17 -9.35 28.54
C LEU A 284 -19.21 -9.47 27.44
N PHE A 285 -18.81 -9.74 26.21
CA PHE A 285 -19.81 -9.89 25.16
C PHE A 285 -19.61 -11.15 24.35
N GLU A 286 -18.61 -11.20 23.48
CA GLU A 286 -18.46 -12.37 22.64
C GLU A 286 -18.17 -13.63 23.46
N LYS A 287 -17.43 -13.47 24.56
CA LYS A 287 -17.01 -14.60 25.38
C LYS A 287 -18.13 -15.14 26.27
N LYS A 288 -19.13 -14.29 26.51
CA LYS A 288 -20.34 -14.68 27.21
C LYS A 288 -21.46 -14.89 26.21
N SER A 289 -21.19 -14.84 24.91
CA SER A 289 -22.25 -15.03 23.90
C SER A 289 -23.39 -14.02 24.07
N LEU A 290 -23.04 -12.78 24.44
CA LEU A 290 -24.00 -11.69 24.56
C LEU A 290 -23.69 -10.62 23.54
N GLU A 291 -24.68 -10.17 22.81
CA GLU A 291 -24.52 -8.98 21.97
C GLU A 291 -24.51 -7.70 22.82
N ASP A 292 -23.86 -6.64 22.34
CA ASP A 292 -24.00 -5.33 22.96
C ASP A 292 -25.28 -4.67 22.42
N LYS A 293 -25.70 -3.55 22.99
CA LYS A 293 -27.00 -2.99 22.66
C LYS A 293 -27.20 -2.60 21.19
N THR A 294 -26.12 -2.21 20.51
CA THR A 294 -26.25 -1.74 19.12
C THR A 294 -25.70 -2.67 18.05
N GLU A 295 -25.20 -3.83 18.41
CA GLU A 295 -24.88 -4.83 17.38
C GLU A 295 -26.06 -5.07 16.45
N ARG A 296 -27.26 -5.17 17.04
CA ARG A 296 -28.53 -5.33 16.32
C ARG A 296 -28.80 -4.29 15.22
N GLU A 297 -28.10 -3.15 15.26
CA GLU A 297 -28.36 -2.11 14.27
C GLU A 297 -27.23 -1.96 13.27
N LEU A 298 -26.38 -2.96 13.18
CA LEU A 298 -25.18 -2.87 12.37
C LEU A 298 -25.35 -3.08 10.89
N LEU A 299 -26.45 -3.68 10.44
CA LEU A 299 -26.69 -3.76 9.01
C LEU A 299 -26.90 -2.36 8.42
N GLU A 300 -26.30 -2.13 7.25
CA GLU A 300 -26.53 -0.90 6.49
C GLU A 300 -28.02 -0.73 6.16
N SER A 301 -28.74 -1.85 6.04
CA SER A 301 -30.18 -1.84 5.77
C SER A 301 -31.07 -1.49 6.98
N TYR A 302 -30.50 -1.49 8.18
CA TYR A 302 -31.24 -1.12 9.40
C TYR A 302 -31.97 0.23 9.25
N ILE A 303 -33.24 0.24 9.64
CA ILE A 303 -34.15 1.37 9.43
C ILE A 303 -33.91 2.12 8.12
N ASP A 304 -33.81 1.37 7.02
CA ASP A 304 -33.70 1.92 5.65
C ASP A 304 -32.37 2.65 5.45
N GLY A 305 -31.42 2.43 6.36
CA GLY A 305 -30.19 3.19 6.39
C GLY A 305 -30.23 4.56 7.07
N ARG A 306 -31.37 4.94 7.66
CA ARG A 306 -31.50 6.26 8.30
C ARG A 306 -30.70 6.38 9.59
N ILE A 307 -30.45 7.63 9.99
CA ILE A 307 -29.55 7.96 11.09
C ILE A 307 -29.95 7.31 12.43
N VAL A 308 -28.94 6.98 13.23
CA VAL A 308 -29.10 6.53 14.60
C VAL A 308 -28.02 7.25 15.38
N GLU A 309 -28.43 8.04 16.36
CA GLU A 309 -27.49 8.90 17.07
C GLU A 309 -26.67 8.10 18.08
N GLY A 310 -25.52 8.66 18.45
CA GLY A 310 -24.59 8.05 19.40
C GLY A 310 -25.23 7.95 20.76
N SER A 311 -24.62 7.22 21.66
CA SER A 311 -25.25 6.99 22.96
C SER A 311 -24.22 6.44 23.93
N ASP A 312 -24.62 6.29 25.18
CA ASP A 312 -23.71 5.81 26.20
C ASP A 312 -23.36 4.39 25.85
N ALA A 313 -22.07 4.07 25.88
CA ALA A 313 -21.59 2.72 25.75
C ALA A 313 -21.93 1.88 27.00
N GLU A 314 -22.15 0.59 26.82
CA GLU A 314 -22.10 -0.37 27.91
C GLU A 314 -20.68 -0.51 28.46
N ILE A 315 -20.57 -0.88 29.72
CA ILE A 315 -19.25 -1.12 30.27
C ILE A 315 -18.56 -2.33 29.62
N GLY A 316 -17.32 -2.11 29.19
CA GLY A 316 -16.48 -3.16 28.61
C GLY A 316 -16.82 -3.53 27.18
N MET A 317 -17.58 -2.67 26.49
CA MET A 317 -17.95 -2.97 25.10
C MET A 317 -16.89 -2.50 24.09
N SER A 318 -15.81 -1.90 24.58
CA SER A 318 -14.69 -1.45 23.74
C SER A 318 -13.40 -1.50 24.58
N PRO A 319 -13.01 -2.70 25.00
CA PRO A 319 -11.94 -2.84 25.99
C PRO A 319 -10.51 -2.61 25.48
N TRP A 320 -10.37 -2.29 24.18
CA TRP A 320 -9.11 -1.88 23.58
C TRP A 320 -8.98 -0.37 23.58
N GLN A 321 -10.02 0.33 24.06
CA GLN A 321 -9.98 1.78 24.06
C GLN A 321 -8.90 2.24 24.99
N VAL A 322 -8.13 3.23 24.51
CA VAL A 322 -7.06 3.80 25.27
C VAL A 322 -7.14 5.33 25.21
N MET A 323 -6.72 5.93 26.32
CA MET A 323 -6.68 7.36 26.45
C MET A 323 -5.24 7.79 26.66
N LEU A 324 -4.84 8.82 25.96
CA LEU A 324 -3.51 9.35 26.05
C LEU A 324 -3.56 10.69 26.78
N PHE A 325 -2.76 10.81 27.83
CA PHE A 325 -2.80 11.96 28.70
C PHE A 325 -1.45 12.63 28.80
N ARG A 326 -1.50 13.94 28.93
CA ARG A 326 -0.35 14.68 29.35
C ARG A 326 -0.18 14.41 30.83
N LYS A 327 1.05 14.31 31.31
CA LYS A 327 1.27 14.08 32.75
C LYS A 327 1.02 15.34 33.54
N SER A 328 1.52 16.46 33.07
CA SER A 328 1.48 17.70 33.81
C SER A 328 1.59 18.90 32.87
N PRO A 329 0.55 19.73 32.77
CA PRO A 329 -0.70 19.60 33.50
C PRO A 329 -1.52 18.41 33.02
N GLN A 330 -2.08 17.64 33.96
CA GLN A 330 -2.93 16.50 33.60
C GLN A 330 -3.97 16.95 32.61
N GLU A 331 -4.14 16.24 31.50
CA GLU A 331 -4.94 16.75 30.41
C GLU A 331 -5.13 15.68 29.35
N LEU A 332 -6.36 15.41 28.95
CA LEU A 332 -6.64 14.36 27.99
C LEU A 332 -6.28 14.83 26.60
N LEU A 333 -5.40 14.10 25.92
CA LEU A 333 -4.92 14.54 24.59
C LEU A 333 -5.61 13.85 23.46
N CYS A 334 -5.69 12.53 23.51
CA CYS A 334 -6.01 11.76 22.33
C CYS A 334 -6.59 10.43 22.73
N GLY A 335 -7.30 9.81 21.81
CA GLY A 335 -7.57 8.40 21.90
C GLY A 335 -6.44 7.60 21.29
N ALA A 336 -6.63 6.29 21.34
CA ALA A 336 -5.64 5.30 20.90
C ALA A 336 -6.25 3.93 21.09
N SER A 337 -5.56 2.89 20.62
CA SER A 337 -6.10 1.54 20.66
C SER A 337 -5.05 0.53 21.03
N LEU A 338 -5.49 -0.50 21.73
CA LEU A 338 -4.62 -1.58 22.21
C LEU A 338 -4.65 -2.75 21.28
N ILE A 339 -3.48 -3.10 20.75
CA ILE A 339 -3.35 -4.18 19.76
C ILE A 339 -2.59 -5.36 20.28
N SER A 340 -1.95 -5.20 21.44
CA SER A 340 -1.38 -6.31 22.18
C SER A 340 -1.22 -5.85 23.62
N ASP A 341 -0.53 -6.61 24.43
CA ASP A 341 -0.29 -6.19 25.79
C ASP A 341 0.78 -5.10 25.91
N ARG A 342 1.46 -4.73 24.83
CA ARG A 342 2.47 -3.67 24.95
C ARG A 342 2.53 -2.67 23.82
N TRP A 343 1.70 -2.82 22.80
CA TRP A 343 1.70 -1.88 21.72
C TRP A 343 0.35 -1.23 21.57
N VAL A 344 0.42 0.05 21.22
CA VAL A 344 -0.71 0.92 21.14
C VAL A 344 -0.60 1.79 19.90
N LEU A 345 -1.72 1.94 19.23
CA LEU A 345 -1.79 2.59 17.96
C LEU A 345 -2.56 3.91 18.10
N THR A 346 -2.04 4.98 17.51
CA THR A 346 -2.71 6.26 17.55
C THR A 346 -2.35 7.08 16.29
N ALA A 347 -2.69 8.35 16.31
CA ALA A 347 -2.32 9.25 15.26
C ALA A 347 -1.04 9.98 15.63
N ALA A 348 -0.16 10.16 14.66
CA ALA A 348 1.06 10.94 14.84
C ALA A 348 0.78 12.37 15.26
N HIS A 349 -0.29 12.96 14.74
CA HIS A 349 -0.52 14.36 15.07
C HIS A 349 -0.76 14.58 16.56
N CYS A 350 -1.19 13.51 17.23
CA CYS A 350 -1.30 13.51 18.66
C CYS A 350 0.02 13.76 19.35
N LEU A 351 1.11 13.40 18.69
CA LEU A 351 2.42 13.47 19.28
C LEU A 351 3.29 14.56 18.69
N LEU A 352 3.18 14.73 17.39
CA LEU A 352 4.02 15.66 16.66
C LEU A 352 3.18 16.39 15.68
N TYR A 353 3.01 17.69 15.91
CA TYR A 353 2.24 18.54 15.02
C TYR A 353 2.77 19.99 15.09
N PRO A 354 3.80 20.27 14.28
CA PRO A 354 4.51 21.54 14.36
C PRO A 354 3.63 22.78 14.26
N PRO A 355 2.56 22.73 13.49
CA PRO A 355 1.70 23.95 13.52
C PRO A 355 1.05 24.33 14.87
N TRP A 356 1.03 23.42 15.84
CA TRP A 356 0.57 23.72 17.19
C TRP A 356 1.78 23.74 18.13
N ASP A 357 2.98 23.81 17.55
CA ASP A 357 4.24 23.65 18.29
C ASP A 357 4.22 22.43 19.17
N LYS A 358 3.71 21.35 18.62
CA LYS A 358 3.54 20.16 19.41
C LYS A 358 4.58 19.12 19.07
N ASN A 359 5.35 18.73 20.06
CA ASN A 359 6.25 17.64 19.92
C ASN A 359 6.43 16.97 21.27
N PHE A 360 5.60 15.99 21.57
CA PHE A 360 5.69 15.30 22.86
C PHE A 360 6.70 14.15 22.86
N THR A 361 7.50 14.06 23.92
CA THR A 361 8.38 12.89 24.16
C THR A 361 7.71 11.89 25.11
N GLU A 362 8.22 10.67 25.12
CA GLU A 362 7.79 9.56 25.98
C GLU A 362 7.47 9.94 27.41
N ASN A 363 8.36 10.69 28.02
CA ASN A 363 8.17 11.02 29.42
C ASN A 363 7.22 12.19 29.73
N ASP A 364 6.63 12.77 28.69
CA ASP A 364 5.58 13.75 28.88
C ASP A 364 4.22 13.10 29.06
N LEU A 365 4.10 11.81 28.78
CA LEU A 365 2.79 11.23 28.59
C LEU A 365 2.54 10.01 29.44
N LEU A 366 1.26 9.63 29.50
CA LEU A 366 0.88 8.33 29.99
C LEU A 366 -0.41 7.90 29.34
N VAL A 367 -0.74 6.63 29.47
CA VAL A 367 -2.00 6.14 28.95
C VAL A 367 -2.85 5.52 30.04
N ARG A 368 -4.15 5.53 29.81
CA ARG A 368 -5.10 4.92 30.71
C ARG A 368 -6.01 3.98 29.96
N ILE A 369 -6.05 2.75 30.43
CA ILE A 369 -6.69 1.70 29.69
C ILE A 369 -7.77 1.10 30.58
N GLY A 370 -8.86 0.69 29.94
CA GLY A 370 -9.96 0.02 30.64
C GLY A 370 -10.99 0.98 31.19
N LYS A 371 -10.95 2.22 30.74
CA LYS A 371 -11.78 3.28 31.31
C LYS A 371 -13.21 3.32 30.77
N HIS A 372 -14.10 3.90 31.58
CA HIS A 372 -15.49 4.11 31.17
C HIS A 372 -15.88 5.56 31.36
N SER A 373 -15.71 6.05 32.58
CA SER A 373 -15.92 7.47 32.84
C SER A 373 -14.70 8.26 32.43
N ARG A 374 -14.90 9.32 31.66
CA ARG A 374 -13.80 10.23 31.36
C ARG A 374 -13.25 10.90 32.59
N THR A 375 -14.12 11.26 33.51
CA THR A 375 -13.78 12.20 34.55
C THR A 375 -13.20 11.60 35.83
N ARG A 376 -13.40 10.31 36.07
CA ARG A 376 -13.02 9.70 37.35
C ARG A 376 -11.86 8.75 37.20
N TYR A 377 -11.00 8.70 38.22
CA TYR A 377 -10.08 7.59 38.38
C TYR A 377 -10.87 6.37 38.82
N GLU A 378 -10.87 5.33 38.00
CA GLU A 378 -11.67 4.17 38.24
C GLU A 378 -10.77 3.04 38.71
N ARG A 379 -10.40 3.07 39.98
CA ARG A 379 -9.36 2.19 40.50
C ARG A 379 -9.61 0.68 40.34
N ASN A 380 -10.85 0.25 40.12
CA ASN A 380 -11.10 -1.19 39.98
C ASN A 380 -10.86 -1.70 38.59
N ILE A 381 -10.94 -0.83 37.60
CA ILE A 381 -10.92 -1.27 36.22
C ILE A 381 -9.78 -0.70 35.39
N GLU A 382 -9.33 0.51 35.70
CA GLU A 382 -8.49 1.19 34.75
C GLU A 382 -7.07 0.94 35.11
N LYS A 383 -6.18 1.07 34.13
CA LYS A 383 -4.74 0.90 34.37
C LYS A 383 -3.93 1.96 33.68
N ILE A 384 -2.85 2.33 34.34
CA ILE A 384 -2.00 3.42 33.96
C ILE A 384 -0.71 2.82 33.47
N SER A 385 -0.25 3.21 32.28
CA SER A 385 1.03 2.73 31.79
C SER A 385 1.83 3.88 31.31
N MET A 386 3.14 3.74 31.44
CA MET A 386 4.04 4.72 30.89
C MET A 386 4.49 4.22 29.52
N LEU A 387 5.10 5.13 28.78
CA LEU A 387 5.59 4.83 27.46
C LEU A 387 7.07 4.63 27.47
N GLU A 388 7.52 3.59 26.79
CA GLU A 388 8.94 3.35 26.59
C GLU A 388 9.42 4.08 25.35
N LYS A 389 8.73 3.90 24.23
CA LYS A 389 9.12 4.50 22.96
C LYS A 389 7.91 4.89 22.16
N ILE A 390 8.08 5.95 21.39
CA ILE A 390 7.15 6.37 20.38
C ILE A 390 7.78 6.17 18.99
N TYR A 391 6.99 5.67 18.05
CA TYR A 391 7.42 5.49 16.66
C TYR A 391 6.45 6.22 15.77
N ILE A 392 6.86 7.36 15.24
CA ILE A 392 6.03 8.06 14.26
C ILE A 392 6.15 7.35 12.89
N HIS A 393 5.05 7.18 12.19
CA HIS A 393 5.16 6.52 10.89
C HIS A 393 6.16 7.26 9.98
N PRO A 394 7.03 6.54 9.29
CA PRO A 394 8.10 7.24 8.51
C PRO A 394 7.60 7.99 7.30
N ARG A 395 6.39 7.73 6.89
CA ARG A 395 5.71 8.46 5.84
C ARG A 395 4.82 9.59 6.37
N TYR A 396 4.67 9.73 7.68
CA TYR A 396 3.80 10.81 8.19
C TYR A 396 4.25 12.14 7.63
N ASN A 397 3.29 12.87 7.06
CA ASN A 397 3.53 14.21 6.52
C ASN A 397 2.37 15.14 6.81
N TRP A 398 2.63 16.07 7.70
CA TRP A 398 1.65 17.05 8.09
C TRP A 398 1.63 18.25 7.17
N ARG A 399 2.60 18.42 6.29
CA ARG A 399 2.61 19.61 5.45
C ARG A 399 1.60 19.42 4.36
N GLU A 400 1.21 18.17 4.13
CA GLU A 400 0.40 17.88 3.00
C GLU A 400 -1.04 17.88 3.50
N ASN A 401 -1.48 16.73 4.02
CA ASN A 401 -2.84 16.53 4.40
C ASN A 401 -2.88 15.45 5.47
N LEU A 402 -2.03 15.60 6.46
CA LEU A 402 -1.93 14.52 7.43
C LEU A 402 -1.87 13.16 6.76
N ASP A 403 -0.91 12.98 5.86
CA ASP A 403 -0.76 11.72 5.20
C ASP A 403 -0.12 10.75 6.18
N ARG A 404 -0.60 9.52 6.21
CA ARG A 404 -0.04 8.53 7.11
C ARG A 404 0.08 9.07 8.51
N ASP A 405 -1.05 9.52 8.99
CA ASP A 405 -1.15 10.14 10.30
C ASP A 405 -1.29 9.02 11.32
N ILE A 406 -0.16 8.39 11.63
CA ILE A 406 -0.09 7.13 12.34
C ILE A 406 1.12 7.08 13.23
N ALA A 407 0.95 6.52 14.43
CA ALA A 407 2.06 6.29 15.34
C ALA A 407 1.81 5.06 16.17
N LEU A 408 2.91 4.50 16.65
CA LEU A 408 2.89 3.31 17.47
C LEU A 408 3.59 3.66 18.77
N MET A 409 3.06 3.20 19.89
CA MET A 409 3.67 3.46 21.17
C MET A 409 3.88 2.16 21.89
N LYS A 410 5.02 2.07 22.56
CA LYS A 410 5.39 0.90 23.33
C LYS A 410 5.26 1.17 24.82
N LEU A 411 4.52 0.31 25.52
CA LEU A 411 4.36 0.46 26.96
C LEU A 411 5.60 0.03 27.66
N LYS A 412 5.88 0.67 28.77
CA LYS A 412 7.10 0.41 29.50
C LYS A 412 7.07 -0.99 30.09
N LYS A 413 5.90 -1.37 30.58
CA LYS A 413 5.63 -2.72 31.05
C LYS A 413 4.39 -3.22 30.35
N PRO A 414 4.30 -4.52 30.08
CA PRO A 414 3.06 -4.93 29.46
C PRO A 414 1.89 -4.73 30.42
N VAL A 415 0.70 -4.58 29.86
CA VAL A 415 -0.49 -4.34 30.68
C VAL A 415 -1.27 -5.65 30.91
N ALA A 416 -1.98 -5.74 32.03
CA ALA A 416 -2.77 -6.93 32.38
C ALA A 416 -4.13 -6.92 31.69
N PHE A 417 -4.45 -8.01 31.00
CA PHE A 417 -5.76 -8.11 30.38
C PHE A 417 -6.77 -8.37 31.49
N SER A 418 -8.04 -8.10 31.22
CA SER A 418 -9.09 -8.20 32.22
C SER A 418 -10.37 -8.15 31.43
N ASP A 419 -11.52 -8.16 32.09
CA ASP A 419 -12.79 -8.01 31.38
C ASP A 419 -12.94 -6.63 30.70
N TYR A 420 -12.11 -5.67 31.14
CA TYR A 420 -12.12 -4.25 30.68
C TYR A 420 -10.93 -3.86 29.80
N ILE A 421 -9.93 -4.72 29.71
CA ILE A 421 -8.72 -4.46 28.97
C ILE A 421 -8.41 -5.69 28.11
N HIS A 422 -8.60 -5.50 26.81
CA HIS A 422 -8.46 -6.56 25.83
C HIS A 422 -8.15 -5.95 24.47
N PRO A 423 -7.23 -6.55 23.71
CA PRO A 423 -6.83 -5.94 22.42
C PRO A 423 -7.75 -6.25 21.23
N VAL A 424 -7.65 -5.36 20.25
CA VAL A 424 -8.47 -5.44 19.05
C VAL A 424 -7.65 -6.13 17.97
N CYS A 425 -8.29 -6.69 16.96
CA CYS A 425 -7.55 -7.29 15.85
C CYS A 425 -7.15 -6.25 14.82
N LEU A 426 -6.06 -6.55 14.11
CA LEU A 426 -5.65 -5.76 12.96
C LEU A 426 -5.87 -6.57 11.70
N PRO A 427 -6.52 -5.97 10.71
CA PRO A 427 -6.78 -6.69 9.49
C PRO A 427 -5.63 -6.56 8.49
N ASP A 428 -5.48 -7.56 7.66
CA ASP A 428 -4.60 -7.49 6.50
C ASP A 428 -5.45 -6.98 5.35
N ARG A 429 -4.92 -7.02 4.14
CA ARG A 429 -5.63 -6.44 3.01
C ARG A 429 -6.87 -7.23 2.61
N GLU A 430 -6.77 -8.55 2.67
CA GLU A 430 -7.87 -9.44 2.27
C GLU A 430 -9.06 -9.24 3.21
N THR A 431 -8.76 -9.26 4.49
CA THR A 431 -9.74 -9.04 5.51
C THR A 431 -10.41 -7.68 5.33
N ALA A 432 -9.59 -6.65 5.18
CA ALA A 432 -10.11 -5.30 5.00
C ALA A 432 -11.06 -5.14 3.83
N ALA A 433 -10.69 -5.66 2.67
CA ALA A 433 -11.59 -5.62 1.53
C ALA A 433 -12.88 -6.36 1.83
N SER A 434 -12.74 -7.49 2.53
CA SER A 434 -13.88 -8.34 2.89
C SER A 434 -14.84 -7.57 3.82
N LEU A 435 -14.30 -6.88 4.82
CA LEU A 435 -15.14 -6.18 5.79
C LEU A 435 -15.80 -4.92 5.28
N LEU A 436 -15.08 -4.12 4.51
CA LEU A 436 -15.69 -2.95 3.90
C LEU A 436 -16.86 -3.30 2.95
N GLN A 437 -16.97 -4.59 2.59
CA GLN A 437 -17.91 -5.04 1.55
C GLN A 437 -19.04 -5.99 2.01
N ALA A 438 -18.93 -6.52 3.23
CA ALA A 438 -20.07 -7.16 3.87
C ALA A 438 -20.99 -6.01 4.28
N GLY A 439 -22.30 -6.25 4.35
CA GLY A 439 -23.22 -5.12 4.52
C GLY A 439 -23.37 -4.52 5.91
N TYR A 440 -22.29 -4.41 6.67
CA TYR A 440 -22.33 -3.89 8.05
C TYR A 440 -21.65 -2.49 8.17
N LYS A 441 -22.17 -1.70 9.10
CA LYS A 441 -21.58 -0.42 9.45
C LYS A 441 -20.34 -0.63 10.29
N GLY A 442 -19.54 0.42 10.39
CA GLY A 442 -18.46 0.48 11.35
C GLY A 442 -18.89 1.21 12.62
N ARG A 443 -17.95 1.37 13.54
CA ARG A 443 -18.29 1.87 14.83
C ARG A 443 -17.18 2.71 15.37
N VAL A 444 -17.56 3.86 15.89
CA VAL A 444 -16.64 4.73 16.58
C VAL A 444 -17.09 4.89 18.02
N THR A 445 -16.12 4.75 18.92
CA THR A 445 -16.33 4.92 20.32
C THR A 445 -15.31 5.93 20.85
N GLY A 446 -15.68 6.61 21.91
CA GLY A 446 -14.75 7.47 22.62
C GLY A 446 -15.50 8.47 23.47
N TRP A 447 -14.80 9.54 23.81
CA TRP A 447 -15.32 10.53 24.73
C TRP A 447 -15.35 11.90 24.06
N GLY A 448 -15.66 11.90 22.76
CA GLY A 448 -15.79 13.15 22.00
C GLY A 448 -14.54 13.99 21.95
N ASN A 449 -13.38 13.37 22.10
CA ASN A 449 -12.12 14.11 22.12
C ASN A 449 -11.75 14.78 20.76
N LEU A 450 -12.17 14.20 19.65
CA LEU A 450 -11.94 14.82 18.35
C LEU A 450 -12.55 16.19 18.32
N LYS A 451 -13.84 16.24 18.56
CA LYS A 451 -14.57 17.51 18.58
C LYS A 451 -14.05 18.51 19.61
N GLU A 452 -13.72 18.01 20.77
CA GLU A 452 -13.20 18.84 21.83
C GLU A 452 -11.85 19.43 21.46
N THR A 453 -11.00 18.63 20.83
CA THR A 453 -9.67 19.09 20.46
C THR A 453 -9.73 20.15 19.35
N TRP A 454 -10.53 19.86 18.32
CA TRP A 454 -10.48 20.61 17.08
C TRP A 454 -11.50 21.70 16.88
N THR A 455 -12.42 21.89 17.83
CA THR A 455 -13.44 22.95 17.72
C THR A 455 -13.76 23.55 19.06
N ALA A 456 -14.53 24.64 19.05
CA ALA A 456 -14.89 25.37 20.27
C ALA A 456 -15.85 24.57 21.14
N ASN A 457 -16.57 23.64 20.51
CA ASN A 457 -17.37 22.62 21.20
C ASN A 457 -18.49 23.21 22.14
N VAL A 458 -18.95 24.42 21.83
CA VAL A 458 -19.96 25.12 22.63
C VAL A 458 -21.28 24.30 22.65
N GLY A 459 -22.16 24.56 23.62
CA GLY A 459 -23.40 23.77 23.79
C GLY A 459 -23.06 22.41 24.38
N LYS A 460 -23.69 21.34 23.86
CA LYS A 460 -23.29 19.97 24.19
C LYS A 460 -21.85 19.92 24.74
N GLY A 461 -21.68 19.72 26.05
CA GLY A 461 -20.34 19.49 26.60
C GLY A 461 -19.69 18.18 26.06
N GLN A 462 -18.45 17.93 26.47
CA GLN A 462 -17.85 16.63 26.31
C GLN A 462 -18.66 15.58 27.08
N PRO A 463 -18.77 14.37 26.54
CA PRO A 463 -19.36 13.29 27.33
C PRO A 463 -18.50 12.90 28.52
N SER A 464 -19.15 12.50 29.61
CA SER A 464 -18.46 11.99 30.81
C SER A 464 -18.35 10.48 30.76
N VAL A 465 -19.13 9.87 29.90
CA VAL A 465 -19.09 8.44 29.73
C VAL A 465 -18.82 8.04 28.27
N LEU A 466 -18.06 6.96 28.09
CA LEU A 466 -17.77 6.39 26.78
C LEU A 466 -18.99 6.35 25.91
N GLN A 467 -18.84 6.79 24.67
CA GLN A 467 -19.93 6.86 23.73
C GLN A 467 -19.71 5.83 22.64
N VAL A 468 -20.77 5.57 21.89
CA VAL A 468 -20.70 4.69 20.74
C VAL A 468 -21.62 5.23 19.67
N VAL A 469 -21.19 5.13 18.42
CA VAL A 469 -22.08 5.37 17.31
C VAL A 469 -21.63 4.44 16.19
N ASN A 470 -22.56 4.08 15.33
CA ASN A 470 -22.27 3.22 14.22
C ASN A 470 -22.51 3.98 12.93
N LEU A 471 -21.58 3.82 12.00
CA LEU A 471 -21.53 4.61 10.79
C LEU A 471 -21.32 3.70 9.62
N PRO A 472 -22.10 3.91 8.56
CA PRO A 472 -21.88 3.12 7.37
C PRO A 472 -20.75 3.69 6.52
N ILE A 473 -20.00 2.79 5.91
CA ILE A 473 -18.95 3.14 4.97
C ILE A 473 -19.57 3.83 3.78
N VAL A 474 -18.84 4.81 3.26
CA VAL A 474 -19.30 5.60 2.15
C VAL A 474 -18.47 5.26 0.90
N GLU A 475 -19.17 5.12 -0.23
CA GLU A 475 -18.51 4.84 -1.50
C GLU A 475 -17.46 5.91 -1.72
N ARG A 476 -16.27 5.48 -2.11
CA ARG A 476 -15.15 6.38 -2.41
C ARG A 476 -15.50 7.53 -3.39
N PRO A 477 -16.21 7.25 -4.49
CA PRO A 477 -16.53 8.40 -5.35
C PRO A 477 -17.46 9.43 -4.72
N VAL A 478 -18.25 9.04 -3.74
CA VAL A 478 -19.20 9.95 -3.08
C VAL A 478 -18.51 10.76 -2.02
N CYS A 479 -17.68 10.07 -1.27
CA CYS A 479 -16.81 10.67 -0.31
C CYS A 479 -15.85 11.67 -0.99
N LYS A 480 -15.42 11.36 -2.21
CA LYS A 480 -14.56 12.27 -2.99
C LYS A 480 -15.30 13.53 -3.38
N ASP A 481 -16.52 13.38 -3.88
CA ASP A 481 -17.35 14.54 -4.22
C ASP A 481 -17.78 15.40 -3.04
N SER A 482 -17.62 14.91 -1.81
CA SER A 482 -17.94 15.68 -0.61
C SER A 482 -16.87 16.71 -0.23
N THR A 483 -15.83 16.84 -1.04
CA THR A 483 -14.75 17.80 -0.74
C THR A 483 -13.89 18.08 -1.97
N ARG A 484 -13.08 19.15 -1.88
CA ARG A 484 -12.14 19.50 -2.94
C ARG A 484 -10.74 19.03 -2.58
N ILE A 485 -10.63 18.44 -1.39
CA ILE A 485 -9.43 17.76 -0.94
C ILE A 485 -9.24 16.46 -1.75
N ARG A 486 -8.01 16.18 -2.15
CA ARG A 486 -7.65 14.90 -2.75
C ARG A 486 -7.66 13.80 -1.68
N ILE A 487 -8.47 12.77 -1.87
CA ILE A 487 -8.48 11.65 -0.92
C ILE A 487 -7.50 10.60 -1.42
N THR A 488 -6.44 10.32 -0.68
CA THR A 488 -5.53 9.28 -1.12
C THR A 488 -6.25 7.99 -0.89
N ASP A 489 -5.76 6.93 -1.51
CA ASP A 489 -6.31 5.59 -1.21
C ASP A 489 -5.99 5.06 0.19
N ASN A 490 -5.31 5.83 1.03
CA ASN A 490 -5.06 5.37 2.37
C ASN A 490 -6.08 5.89 3.41
N MET A 491 -7.08 6.65 2.95
CA MET A 491 -8.19 7.17 3.77
C MET A 491 -9.56 6.60 3.37
N PHE A 492 -10.51 6.64 4.29
CA PHE A 492 -11.89 6.39 3.92
C PHE A 492 -12.86 7.24 4.74
N CYS A 493 -14.07 7.40 4.20
CA CYS A 493 -15.17 8.07 4.85
C CYS A 493 -16.22 7.12 5.40
N ALA A 494 -16.93 7.57 6.43
CA ALA A 494 -18.05 6.83 6.96
C ALA A 494 -19.02 7.81 7.57
N GLY A 495 -20.31 7.52 7.45
CA GLY A 495 -21.36 8.35 8.04
C GLY A 495 -22.63 8.29 7.22
N TYR A 496 -23.71 8.84 7.77
CA TYR A 496 -25.00 8.80 7.12
C TYR A 496 -25.12 9.94 6.13
N LYS A 497 -25.98 9.75 5.14
CA LYS A 497 -26.29 10.77 4.15
C LYS A 497 -26.39 12.10 4.87
N PRO A 498 -25.49 13.02 4.53
CA PRO A 498 -25.50 14.31 5.20
C PRO A 498 -26.66 15.18 4.76
N ASP A 499 -26.87 16.22 5.54
CA ASP A 499 -27.82 17.25 5.22
C ASP A 499 -27.02 18.56 5.18
N GLU A 500 -26.89 19.14 3.99
CA GLU A 500 -26.11 20.39 3.80
C GLU A 500 -26.59 21.56 4.71
N GLY A 501 -27.79 21.47 5.26
CA GLY A 501 -28.25 22.40 6.29
C GLY A 501 -27.69 22.12 7.68
N LYS A 502 -27.24 20.89 7.94
CA LYS A 502 -26.80 20.46 9.27
C LYS A 502 -25.37 19.87 9.31
N ARG A 503 -24.71 20.10 10.43
CA ARG A 503 -23.33 19.67 10.69
C ARG A 503 -23.25 18.17 10.82
N GLY A 504 -24.34 17.58 11.29
CA GLY A 504 -24.46 16.15 11.38
C GLY A 504 -23.59 15.61 12.48
N ASP A 505 -23.16 14.36 12.31
CA ASP A 505 -22.28 13.69 13.27
C ASP A 505 -21.06 13.11 12.52
N ALA A 506 -20.32 14.03 11.89
CA ALA A 506 -19.11 13.74 11.11
C ALA A 506 -17.84 14.17 11.82
N CYS A 507 -17.87 14.26 13.14
CA CYS A 507 -16.70 14.63 13.90
C CYS A 507 -16.75 13.85 15.23
N GLU A 508 -17.07 12.58 15.12
CA GLU A 508 -17.23 11.69 16.26
C GLU A 508 -15.93 11.00 16.65
N GLY A 509 -15.84 10.58 17.91
CA GLY A 509 -14.77 9.74 18.39
C GLY A 509 -13.68 10.55 19.05
N ASP A 510 -12.54 9.91 19.28
CA ASP A 510 -11.41 10.60 19.81
C ASP A 510 -10.38 10.71 18.72
N SER A 511 -9.66 11.82 18.77
CA SER A 511 -8.52 12.04 17.88
C SER A 511 -7.51 10.91 18.04
N GLY A 512 -7.20 10.20 16.96
CA GLY A 512 -6.25 9.10 17.04
C GLY A 512 -6.88 7.80 17.52
N GLY A 513 -8.17 7.83 17.81
CA GLY A 513 -8.86 6.65 18.34
C GLY A 513 -9.27 5.67 17.28
N PRO A 514 -9.88 4.57 17.70
CA PRO A 514 -10.17 3.51 16.75
C PRO A 514 -11.52 3.66 16.07
N PHE A 515 -11.57 3.30 14.79
CA PHE A 515 -12.79 2.98 14.04
C PHE A 515 -12.76 1.47 13.81
N VAL A 516 -13.78 0.75 14.23
CA VAL A 516 -13.77 -0.73 14.18
C VAL A 516 -14.97 -1.31 13.46
N MET A 517 -14.84 -2.59 13.09
CA MET A 517 -15.87 -3.33 12.41
C MET A 517 -15.81 -4.78 12.89
N LYS A 518 -16.97 -5.42 12.96
CA LYS A 518 -17.03 -6.79 13.38
C LYS A 518 -17.14 -7.73 12.21
N SER A 519 -16.26 -8.74 12.19
CA SER A 519 -16.26 -9.76 11.16
C SER A 519 -17.47 -10.64 11.34
N PRO A 520 -18.32 -10.73 10.32
CA PRO A 520 -19.36 -11.74 10.34
C PRO A 520 -18.86 -13.12 10.00
N PHE A 521 -17.55 -13.27 9.82
CA PHE A 521 -17.02 -14.58 9.47
C PHE A 521 -16.40 -15.28 10.68
N ASN A 522 -15.63 -14.57 11.48
CA ASN A 522 -15.03 -15.14 12.69
C ASN A 522 -15.45 -14.44 13.97
N ASN A 523 -16.34 -13.47 13.84
CA ASN A 523 -16.98 -12.86 14.97
C ASN A 523 -16.08 -11.95 15.81
N ARG A 524 -14.93 -11.53 15.28
CA ARG A 524 -14.01 -10.70 16.01
C ARG A 524 -14.06 -9.27 15.55
N TRP A 525 -13.69 -8.35 16.43
CA TRP A 525 -13.63 -6.93 16.10
C TRP A 525 -12.26 -6.61 15.56
N TYR A 526 -12.24 -5.88 14.43
CA TYR A 526 -11.03 -5.44 13.77
C TYR A 526 -11.02 -3.94 13.75
N GLN A 527 -9.87 -3.34 14.05
CA GLN A 527 -9.69 -1.90 13.80
C GLN A 527 -9.50 -1.67 12.33
N MET A 528 -10.40 -0.95 11.67
CA MET A 528 -10.22 -0.62 10.27
C MET A 528 -9.61 0.75 10.02
N GLY A 529 -9.67 1.64 11.02
CA GLY A 529 -9.31 3.04 10.78
C GLY A 529 -8.76 3.70 12.02
N ILE A 530 -8.12 4.83 11.81
CA ILE A 530 -7.73 5.67 12.90
C ILE A 530 -8.41 6.98 12.69
N VAL A 531 -9.05 7.50 13.73
CA VAL A 531 -9.84 8.72 13.58
C VAL A 531 -8.88 9.86 13.33
N SER A 532 -9.12 10.61 12.26
CA SER A 532 -8.29 11.81 11.94
C SER A 532 -9.15 13.04 11.87
N TRP A 533 -8.50 14.19 11.78
CA TRP A 533 -9.24 15.43 11.55
C TRP A 533 -9.87 15.36 10.17
N GLY A 534 -11.06 15.93 10.04
CA GLY A 534 -11.72 16.08 8.75
C GLY A 534 -12.58 17.32 8.73
N GLU A 535 -13.09 17.67 7.56
CA GLU A 535 -13.83 18.91 7.38
C GLU A 535 -15.14 18.88 8.16
N GLY A 536 -15.60 17.68 8.49
CA GLY A 536 -16.77 17.48 9.32
C GLY A 536 -16.72 18.27 10.61
N CYS A 537 -15.53 18.47 11.13
CA CYS A 537 -15.38 19.20 12.37
C CYS A 537 -15.74 20.66 12.21
N ASP A 538 -15.66 21.20 11.01
CA ASP A 538 -15.86 22.64 10.81
C ASP A 538 -17.09 22.97 9.98
N ARG A 539 -17.56 22.03 9.17
CA ARG A 539 -18.41 22.36 8.07
C ARG A 539 -19.53 21.37 7.93
N ASP A 540 -20.65 21.85 7.39
CA ASP A 540 -21.83 21.03 7.15
C ASP A 540 -21.58 20.11 5.97
N GLY A 541 -22.33 19.01 5.92
CA GLY A 541 -22.43 18.22 4.70
C GLY A 541 -21.28 17.23 4.50
N LYS A 542 -20.64 16.82 5.59
CA LYS A 542 -19.45 16.02 5.47
C LYS A 542 -19.65 14.64 6.05
N TYR A 543 -18.61 13.83 5.88
CA TYR A 543 -18.55 12.50 6.43
C TYR A 543 -17.35 12.47 7.33
N GLY A 544 -17.31 11.49 8.20
CA GLY A 544 -16.15 11.31 9.06
C GLY A 544 -15.04 10.66 8.26
N PHE A 545 -13.83 10.84 8.76
CA PHE A 545 -12.63 10.63 7.97
C PHE A 545 -11.63 9.80 8.77
N TYR A 546 -11.20 8.71 8.16
CA TYR A 546 -10.45 7.67 8.85
C TYR A 546 -9.26 7.21 8.04
N THR A 547 -8.13 7.06 8.72
CA THR A 547 -6.92 6.58 8.09
C THR A 547 -6.94 5.08 8.10
N HIS A 548 -6.77 4.46 6.94
CA HIS A 548 -6.66 2.98 6.87
C HIS A 548 -5.49 2.43 7.70
N VAL A 549 -5.69 1.25 8.27
CA VAL A 549 -4.64 0.58 9.00
C VAL A 549 -4.17 -0.71 8.33
N PHE A 550 -4.83 -1.13 7.25
CA PHE A 550 -4.57 -2.47 6.71
C PHE A 550 -3.17 -2.71 6.09
N ARG A 551 -2.43 -1.64 5.77
CA ARG A 551 -1.11 -1.75 5.18
C ARG A 551 0.02 -1.79 6.19
N LEU A 552 -0.31 -1.65 7.47
CA LEU A 552 0.69 -1.38 8.50
C LEU A 552 1.48 -2.55 9.02
N LYS A 553 1.06 -3.75 8.72
CA LYS A 553 1.58 -4.90 9.48
C LYS A 553 3.08 -5.08 9.35
N LYS A 554 3.58 -4.95 8.14
CA LYS A 554 4.99 -5.12 7.95
C LYS A 554 5.83 -3.94 8.46
N TRP A 555 5.25 -2.73 8.51
CA TRP A 555 5.90 -1.62 9.22
C TRP A 555 6.03 -1.95 10.70
N ILE A 556 4.91 -2.37 11.27
CA ILE A 556 4.86 -2.77 12.68
C ILE A 556 5.89 -3.86 12.97
N GLN A 557 5.91 -4.88 12.13
CA GLN A 557 6.83 -5.98 12.33
C GLN A 557 8.26 -5.45 12.37
N LYS A 558 8.58 -4.55 11.45
CA LYS A 558 9.93 -3.99 11.44
C LYS A 558 10.18 -3.08 12.63
N VAL A 559 9.17 -2.33 13.07
CA VAL A 559 9.33 -1.53 14.28
C VAL A 559 9.63 -2.42 15.47
N ILE A 560 8.93 -3.55 15.60
CA ILE A 560 9.14 -4.38 16.80
C ILE A 560 10.48 -5.11 16.81
N ASP A 561 11.13 -5.21 15.66
CA ASP A 561 12.55 -5.62 15.60
C ASP A 561 13.51 -4.49 15.96
N GLN A 562 13.27 -3.30 15.39
CA GLN A 562 14.01 -2.07 15.76
C GLN A 562 14.03 -1.97 17.28
N PHE A 563 12.91 -2.31 17.93
CA PHE A 563 12.86 -2.33 19.39
C PHE A 563 13.62 -3.51 20.02
N GLY A 564 13.58 -4.68 19.38
CA GLY A 564 14.45 -5.80 19.78
C GLY A 564 15.92 -5.36 19.90
N GLU A 565 16.36 -4.49 18.99
CA GLU A 565 17.73 -3.96 19.02
C GLU A 565 17.90 -2.96 20.16
N TYR A 566 16.89 -2.13 20.38
CA TYR A 566 16.86 -1.18 21.49
C TYR A 566 17.37 -1.79 22.80
N LEU A 567 17.12 -3.08 23.01
CA LEU A 567 17.69 -3.83 24.13
C LEU A 567 19.21 -4.06 23.91
N GLU A 568 20.02 -3.11 24.40
CA GLU A 568 21.46 -2.99 24.05
C GLU A 568 21.61 -2.59 22.59
C1 NAG B . 28.80 0.93 -28.76
C2 NAG B . 29.28 2.32 -29.17
C3 NAG B . 30.71 2.23 -29.72
C4 NAG B . 31.63 1.52 -28.74
C5 NAG B . 31.05 0.12 -28.50
C6 NAG B . 31.76 -0.81 -27.55
C7 NAG B . 27.46 3.70 -30.15
C8 NAG B . 26.56 3.93 -31.41
N2 NAG B . 28.44 2.78 -30.28
O3 NAG B . 31.27 3.50 -30.05
O4 NAG B . 32.89 1.35 -29.37
O5 NAG B . 29.75 0.35 -27.86
O6 NAG B . 32.11 -0.07 -26.37
O7 NAG B . 27.29 4.32 -29.08
C1 NAG B . 33.99 1.75 -28.62
C2 NAG B . 35.17 1.09 -29.31
C3 NAG B . 36.50 1.63 -28.82
C4 NAG B . 36.52 3.12 -28.81
C5 NAG B . 35.35 3.68 -28.03
C6 NAG B . 35.27 5.21 -28.16
C7 NAG B . 34.77 -1.19 -30.08
C8 NAG B . 34.88 -2.70 -29.69
N2 NAG B . 35.16 -0.35 -29.10
O3 NAG B . 37.51 1.22 -29.75
O4 NAG B . 37.66 3.64 -28.14
O5 NAG B . 34.13 3.16 -28.58
O6 NAG B . 34.27 5.74 -27.29
O7 NAG B . 34.41 -0.78 -31.19
C1 NAG C . 11.17 16.91 19.72
C2 NAG C . 12.18 16.94 18.57
C3 NAG C . 13.48 16.25 18.95
C4 NAG C . 13.99 16.60 20.35
C5 NAG C . 12.84 16.57 21.36
C6 NAG C . 13.25 17.01 22.77
C7 NAG C . 11.35 17.02 16.24
C8 NAG C . 10.82 16.27 15.04
N2 NAG C . 11.64 16.34 17.36
O3 NAG C . 14.45 16.61 17.99
O4 NAG C . 15.00 15.69 20.77
O5 NAG C . 11.82 17.41 20.88
O6 NAG C . 13.54 18.38 22.79
O7 NAG C . 11.49 18.24 16.15
C1 NAG C . 16.33 16.12 20.39
C2 NAG C . 17.30 16.03 21.57
C3 NAG C . 18.62 16.67 21.16
C4 NAG C . 19.11 16.15 19.81
C5 NAG C . 18.01 15.99 18.76
C6 NAG C . 18.47 15.18 17.55
C7 NAG C . 16.55 16.08 23.93
C8 NAG C . 16.00 16.90 25.06
N2 NAG C . 16.76 16.70 22.75
O3 NAG C . 19.61 16.42 22.13
O4 NAG C . 20.10 17.05 19.35
O5 NAG C . 16.86 15.37 19.32
O6 NAG C . 18.52 13.81 17.85
O7 NAG C . 16.79 14.88 24.08
MG MG D . 18.38 -13.58 -58.06
MG MG E . 23.95 -18.79 -55.22
MG MG F . 18.77 -21.11 -55.64
MG MG G . 14.18 -21.07 -54.12
MG MG H . 5.98 -25.08 -51.28
MG MG I . 1.61 -18.03 -49.14
C1 NAG J . 5.53 7.30 -30.11
C2 NAG J . 4.04 7.71 -30.22
C3 NAG J . 3.78 9.11 -30.78
C4 NAG J . 4.95 10.07 -30.50
C5 NAG J . 6.20 9.39 -31.06
C6 NAG J . 7.47 10.22 -31.25
C7 NAG J . 2.73 5.67 -30.69
C8 NAG J . 2.27 4.77 -31.81
N2 NAG J . 3.43 6.72 -31.08
O3 NAG J . 2.58 9.54 -30.22
O4 NAG J . 4.75 11.41 -30.95
O5 NAG J . 6.47 8.37 -30.14
O6 NAG J . 8.13 10.48 -30.04
O7 NAG J . 2.44 5.38 -29.52
S SO4 K . 23.79 -4.02 -50.00
O1 SO4 K . 22.65 -3.09 -50.26
O2 SO4 K . 25.04 -3.27 -49.75
O3 SO4 K . 23.50 -4.86 -48.81
O4 SO4 K . 23.99 -4.89 -51.19
S SO4 L . 18.48 5.84 -34.94
O1 SO4 L . 18.34 6.14 -33.50
O2 SO4 L . 19.35 6.88 -35.53
O3 SO4 L . 19.12 4.51 -35.01
O4 SO4 L . 17.12 5.95 -35.54
S SO4 M . 14.25 13.54 -34.28
O1 SO4 M . 15.20 13.69 -33.17
O2 SO4 M . 14.95 14.03 -35.50
O3 SO4 M . 13.03 14.34 -33.97
O4 SO4 M . 13.92 12.10 -34.37
S SO4 N . 7.38 -12.84 -21.68
O1 SO4 N . 6.42 -11.94 -22.35
O2 SO4 N . 8.72 -12.57 -22.22
O3 SO4 N . 7.02 -14.26 -21.95
O4 SO4 N . 7.32 -12.55 -20.21
S SO4 O . 30.38 -2.89 6.23
O1 SO4 O . 31.17 -1.82 5.54
O2 SO4 O . 29.35 -2.68 5.18
O3 SO4 O . 29.33 -2.47 7.22
O4 SO4 O . 30.45 -4.28 5.72
S SO4 P . -21.98 -12.75 19.57
O1 SO4 P . -21.99 -11.28 19.58
O2 SO4 P . -20.81 -13.27 20.32
O3 SO4 P . -23.20 -13.28 20.23
O4 SO4 P . -21.94 -13.17 18.14
S SO4 Q . 22.56 -2.70 -19.80
O1 SO4 Q . 21.77 -2.41 -18.58
O2 SO4 Q . 22.99 -1.53 -20.62
O3 SO4 Q . 23.78 -3.40 -19.37
O4 SO4 Q . 21.64 -3.50 -20.64
S SO4 R . -14.64 1.79 39.62
O1 SO4 R . -15.00 2.61 40.78
O2 SO4 R . -13.16 1.81 39.56
O3 SO4 R . -15.09 0.39 39.79
O4 SO4 R . -15.34 2.32 38.40
C1 GOL S . -12.49 15.07 5.16
O1 GOL S . -11.49 16.06 4.89
C2 GOL S . -13.79 15.35 4.41
O2 GOL S . -13.44 15.81 3.09
C3 GOL S . -14.67 14.10 4.31
O3 GOL S . -16.00 14.43 3.85
S SO4 T . -15.22 -13.45 34.13
O1 SO4 T . -14.95 -12.59 35.31
O2 SO4 T . -14.62 -12.85 32.91
O3 SO4 T . -14.64 -14.81 34.32
O4 SO4 T . -16.69 -13.54 33.93
#